data_5B74
#
_entry.id   5B74
#
_cell.length_a   92.010
_cell.length_b   92.010
_cell.length_c   187.081
_cell.angle_alpha   90.00
_cell.angle_beta   90.00
_cell.angle_gamma   120.00
#
_symmetry.space_group_name_H-M   'P 65 2 2'
#
loop_
_entity.id
_entity.type
_entity.pdbx_description
1 polymer L-asparaginase
2 polymer L-asparaginase
3 polymer LEU-VAL-VAL-ASN
4 non-polymer 'CITRATE ANION'
5 non-polymer 'CHLORIDE ION'
6 water water
#
loop_
_entity_poly.entity_id
_entity_poly.type
_entity_poly.pdbx_seq_one_letter_code
_entity_poly.pdbx_strand_id
1 'polypeptide(L)'
;MKILLIGMGGTIASVKGENGYEASLSVKEVLDIAGIKDCEDCDFLDLKNVDSTLIQPEDWVDLAETLYKNVKKYDGIIVT
HGTDTLAYTSSMISFMLRNPPIPIVFTGSMIPATEENSDAPLNLQTAIKFATSGIRGVYVAFNGKVMLGVRTSKVRTMSR
DAFESINYPIIAELRGEDLVVN
;
A
2 'polypeptide(L)'
;MAVLVIKLIPGLSGDIFRAAVELGYRGIVIEGYGAGGIPYRGSDLLQTIEELSKEIPIVMTTQAMYDGVDLTRYKVGRLA
LRAGVIPAGDMTKEATVTKLMWILGHTNNVEEIKVLMRKNLVGELRD
;
B
3 'polypeptide(L)' LVVN D
#
# COMPACT_ATOMS: atom_id res chain seq x y z
N MET A 1 -7.33 -2.64 -25.96
CA MET A 1 -7.92 -3.71 -26.75
C MET A 1 -8.17 -4.95 -25.90
N LYS A 2 -7.09 -5.64 -25.54
CA LYS A 2 -7.17 -6.89 -24.78
C LYS A 2 -6.88 -6.68 -23.28
N ILE A 3 -7.89 -6.90 -22.44
CA ILE A 3 -7.80 -6.63 -21.01
C ILE A 3 -8.13 -7.88 -20.17
N LEU A 4 -7.33 -8.15 -19.14
CA LEU A 4 -7.66 -9.19 -18.16
C LEU A 4 -8.16 -8.55 -16.87
N LEU A 5 -9.27 -9.06 -16.34
CA LEU A 5 -9.74 -8.67 -15.01
C LEU A 5 -9.54 -9.81 -14.05
N ILE A 6 -8.80 -9.53 -12.98
CA ILE A 6 -8.52 -10.52 -11.94
C ILE A 6 -9.28 -10.18 -10.65
N GLY A 7 -10.06 -11.13 -10.15
CA GLY A 7 -10.82 -10.91 -8.94
C GLY A 7 -10.07 -11.33 -7.69
N MET A 8 -10.14 -10.50 -6.65
CA MET A 8 -9.59 -10.84 -5.33
C MET A 8 -10.69 -10.84 -4.28
N GLY A 9 -11.88 -10.39 -4.65
CA GLY A 9 -12.99 -10.36 -3.72
C GLY A 9 -13.26 -8.93 -3.27
N GLY A 10 -13.58 -8.77 -1.99
CA GLY A 10 -13.84 -7.45 -1.43
C GLY A 10 -15.30 -7.02 -1.51
N THR A 11 -15.59 -5.85 -0.95
CA THR A 11 -16.96 -5.31 -0.90
C THR A 11 -17.59 -5.24 -2.27
N ILE A 12 -16.78 -4.93 -3.27
CA ILE A 12 -17.28 -4.80 -4.63
C ILE A 12 -18.05 -6.05 -5.06
N ALA A 13 -17.58 -7.22 -4.65
CA ALA A 13 -18.16 -8.49 -5.09
C ALA A 13 -19.15 -9.09 -4.08
N SER A 14 -19.48 -8.34 -3.04
CA SER A 14 -20.29 -8.87 -1.96
C SER A 14 -21.77 -8.95 -2.34
N VAL A 15 -22.40 -10.08 -2.00
CA VAL A 15 -23.87 -10.18 -1.93
C VAL A 15 -24.27 -10.58 -0.51
N LYS A 16 -25.38 -10.05 -0.02
CA LYS A 16 -25.84 -10.38 1.33
C LYS A 16 -27.07 -11.29 1.32
N GLY A 17 -27.10 -12.26 2.24
CA GLY A 17 -28.20 -13.20 2.29
C GLY A 17 -29.21 -12.90 3.38
N GLU A 18 -30.22 -13.75 3.50
CA GLU A 18 -31.29 -13.58 4.47
C GLU A 18 -30.77 -13.44 5.90
N ASN A 19 -29.73 -14.20 6.24
CA ASN A 19 -29.08 -14.06 7.55
C ASN A 19 -27.72 -13.38 7.40
N GLY A 20 -26.93 -13.37 8.48
CA GLY A 20 -25.69 -12.61 8.51
C GLY A 20 -24.54 -13.14 7.68
N TYR A 21 -24.83 -14.05 6.76
CA TYR A 21 -23.80 -14.58 5.85
C TYR A 21 -23.69 -13.73 4.58
N GLU A 22 -22.47 -13.27 4.30
CA GLU A 22 -22.20 -12.66 3.00
C GLU A 22 -21.47 -13.66 2.11
N ALA A 23 -21.55 -13.47 0.80
CA ALA A 23 -20.83 -14.33 -0.11
C ALA A 23 -20.31 -13.47 -1.25
N SER A 24 -19.33 -14.01 -1.97
CA SER A 24 -18.63 -13.20 -2.94
C SER A 24 -18.96 -13.64 -4.36
N LEU A 25 -19.11 -12.68 -5.27
CA LEU A 25 -19.41 -12.98 -6.67
C LEU A 25 -18.10 -13.09 -7.43
N SER A 26 -18.13 -13.74 -8.59
CA SER A 26 -16.95 -13.82 -9.44
C SER A 26 -16.76 -12.49 -10.14
N VAL A 27 -15.52 -12.20 -10.56
CA VAL A 27 -15.24 -10.89 -11.16
C VAL A 27 -16.08 -10.61 -12.42
N LYS A 28 -16.33 -11.63 -13.24
CA LYS A 28 -17.18 -11.40 -14.41
C LYS A 28 -18.58 -11.03 -14.00
N GLU A 29 -19.11 -11.68 -12.96
CA GLU A 29 -20.45 -11.38 -12.50
C GLU A 29 -20.52 -9.94 -11.98
N VAL A 30 -19.50 -9.52 -11.24
CA VAL A 30 -19.40 -8.14 -10.77
C VAL A 30 -19.52 -7.16 -11.93
N LEU A 31 -18.73 -7.37 -12.97
CA LEU A 31 -18.69 -6.46 -14.10
C LEU A 31 -20.04 -6.44 -14.82
N ASP A 32 -20.65 -7.60 -14.94
CA ASP A 32 -21.96 -7.69 -15.59
C ASP A 32 -23.02 -6.97 -14.77
N ILE A 33 -23.01 -7.16 -13.46
CA ILE A 33 -24.00 -6.50 -12.61
C ILE A 33 -23.76 -4.98 -12.59
N ALA A 34 -22.50 -4.57 -12.71
CA ALA A 34 -22.16 -3.14 -12.72
C ALA A 34 -22.66 -2.45 -13.99
N GLY A 35 -23.05 -3.24 -14.99
CA GLY A 35 -23.59 -2.70 -16.23
C GLY A 35 -22.55 -2.26 -17.25
N ILE A 36 -21.35 -2.82 -17.14
CA ILE A 36 -20.30 -2.48 -18.09
C ILE A 36 -20.53 -3.23 -19.40
N LYS A 37 -20.89 -2.50 -20.44
CA LYS A 37 -21.21 -3.11 -21.74
C LYS A 37 -20.07 -2.93 -22.75
N ASP A 38 -19.14 -2.05 -22.41
CA ASP A 38 -18.05 -1.67 -23.31
C ASP A 38 -16.84 -2.58 -23.19
N CYS A 39 -16.95 -3.62 -22.38
CA CYS A 39 -15.81 -4.47 -22.11
C CYS A 39 -15.88 -5.80 -22.86
N GLU A 40 -15.76 -5.74 -24.19
CA GLU A 40 -15.54 -6.97 -24.95
C GLU A 40 -14.08 -7.05 -25.36
N ASP A 41 -13.61 -8.26 -25.58
CA ASP A 41 -12.18 -8.59 -25.51
C ASP A 41 -11.69 -8.24 -24.10
N CYS A 42 -12.40 -8.82 -23.13
CA CYS A 42 -12.01 -8.79 -21.73
C CYS A 42 -12.04 -10.22 -21.20
N ASP A 43 -10.93 -10.67 -20.64
CA ASP A 43 -10.91 -11.99 -19.99
C ASP A 43 -11.07 -11.81 -18.50
N PHE A 44 -11.52 -12.89 -17.86
CA PHE A 44 -11.83 -12.84 -16.43
C PHE A 44 -11.17 -13.98 -15.70
N LEU A 45 -10.53 -13.67 -14.58
CA LEU A 45 -9.85 -14.69 -13.80
C LEU A 45 -10.08 -14.43 -12.32
N ASP A 46 -10.60 -15.44 -11.63
CA ASP A 46 -10.83 -15.31 -10.19
C ASP A 46 -9.69 -15.95 -9.44
N LEU A 47 -8.97 -15.15 -8.67
CA LEU A 47 -7.81 -15.64 -7.94
C LEU A 47 -8.17 -15.92 -6.48
N LYS A 48 -8.77 -14.94 -5.81
CA LYS A 48 -9.23 -15.10 -4.44
C LYS A 48 -10.63 -14.52 -4.34
N ASN A 49 -11.32 -14.83 -3.25
CA ASN A 49 -12.60 -14.21 -2.93
C ASN A 49 -12.65 -13.92 -1.44
N VAL A 50 -11.77 -13.04 -0.98
CA VAL A 50 -11.68 -12.71 0.45
C VAL A 50 -11.94 -11.23 0.75
N ASP A 51 -12.42 -10.95 1.95
CA ASP A 51 -12.39 -9.59 2.46
C ASP A 51 -10.93 -9.20 2.62
N SER A 52 -10.58 -7.99 2.18
CA SER A 52 -9.17 -7.59 2.12
C SER A 52 -8.48 -7.46 3.47
N THR A 53 -9.26 -7.38 4.55
CA THR A 53 -8.69 -7.42 5.91
C THR A 53 -7.97 -8.75 6.13
N LEU A 54 -8.38 -9.78 5.38
CA LEU A 54 -7.81 -11.11 5.57
C LEU A 54 -6.59 -11.34 4.71
N ILE A 55 -6.24 -10.37 3.89
CA ILE A 55 -5.10 -10.49 2.97
C ILE A 55 -3.82 -10.77 3.77
N GLN A 56 -3.02 -11.72 3.29
CA GLN A 56 -1.78 -12.12 3.94
C GLN A 56 -0.67 -12.02 2.90
N PRO A 57 0.59 -11.96 3.33
CA PRO A 57 1.70 -11.82 2.37
C PRO A 57 1.74 -12.92 1.29
N GLU A 58 1.35 -14.14 1.65
CA GLU A 58 1.29 -15.24 0.68
C GLU A 58 0.43 -14.87 -0.52
N ASP A 59 -0.62 -14.10 -0.29
CA ASP A 59 -1.53 -13.68 -1.35
C ASP A 59 -0.85 -12.78 -2.37
N TRP A 60 0.15 -12.02 -1.94
CA TRP A 60 0.89 -11.13 -2.83
C TRP A 60 1.79 -11.92 -3.76
N VAL A 61 2.35 -13.01 -3.23
CA VAL A 61 3.16 -13.90 -4.04
C VAL A 61 2.30 -14.55 -5.12
N ASP A 62 1.13 -15.03 -4.73
CA ASP A 62 0.19 -15.61 -5.71
C ASP A 62 -0.20 -14.61 -6.79
N LEU A 63 -0.63 -13.41 -6.36
CA LEU A 63 -1.01 -12.37 -7.30
C LEU A 63 0.14 -12.01 -8.22
N ALA A 64 1.33 -11.79 -7.65
CA ALA A 64 2.50 -11.42 -8.45
C ALA A 64 2.79 -12.47 -9.53
N GLU A 65 2.69 -13.74 -9.18
CA GLU A 65 2.93 -14.83 -10.13
C GLU A 65 1.90 -14.83 -11.27
N THR A 66 0.64 -14.66 -10.89
CA THR A 66 -0.44 -14.60 -11.86
C THR A 66 -0.26 -13.38 -12.77
N LEU A 67 0.13 -12.25 -12.20
CA LEU A 67 0.37 -11.04 -12.99
C LEU A 67 1.51 -11.28 -13.96
N TYR A 68 2.61 -11.84 -13.46
N TYR A 68 2.62 -11.82 -13.46
CA TYR A 68 3.78 -12.11 -14.27
CA TYR A 68 3.78 -12.11 -14.30
C TYR A 68 3.46 -13.03 -15.46
C TYR A 68 3.43 -13.01 -15.48
N LYS A 69 2.56 -13.98 -15.25
CA LYS A 69 2.18 -14.93 -16.32
C LYS A 69 1.29 -14.29 -17.37
N ASN A 70 0.74 -13.12 -17.08
CA ASN A 70 -0.26 -12.54 -17.96
C ASN A 70 0.09 -11.19 -18.55
N VAL A 71 1.17 -10.57 -18.08
CA VAL A 71 1.51 -9.22 -18.53
C VAL A 71 1.79 -9.17 -20.04
N LYS A 72 2.36 -10.25 -20.57
CA LYS A 72 2.71 -10.28 -21.99
C LYS A 72 1.53 -10.64 -22.90
N LYS A 73 0.50 -11.27 -22.32
CA LYS A 73 -0.68 -11.71 -23.08
C LYS A 73 -1.76 -10.64 -23.17
N TYR A 74 -1.73 -9.66 -22.26
CA TYR A 74 -2.77 -8.64 -22.25
C TYR A 74 -2.19 -7.23 -22.45
N ASP A 75 -3.06 -6.29 -22.81
CA ASP A 75 -2.64 -4.91 -23.01
C ASP A 75 -2.79 -4.10 -21.72
N GLY A 76 -3.61 -4.62 -20.82
CA GLY A 76 -3.86 -3.99 -19.54
C GLY A 76 -4.45 -5.03 -18.61
N ILE A 77 -4.26 -4.84 -17.32
CA ILE A 77 -4.82 -5.75 -16.33
C ILE A 77 -5.50 -4.92 -15.26
N ILE A 78 -6.65 -5.40 -14.82
CA ILE A 78 -7.39 -4.80 -13.73
C ILE A 78 -7.57 -5.83 -12.63
N VAL A 79 -7.34 -5.42 -11.40
CA VAL A 79 -7.51 -6.29 -10.25
C VAL A 79 -8.56 -5.66 -9.33
N THR A 80 -9.64 -6.39 -9.06
CA THR A 80 -10.67 -5.89 -8.15
C THR A 80 -10.37 -6.46 -6.76
N HIS A 81 -10.58 -5.65 -5.72
CA HIS A 81 -9.97 -5.93 -4.42
C HIS A 81 -10.77 -5.21 -3.31
N GLY A 82 -10.70 -5.70 -2.08
CA GLY A 82 -11.29 -4.98 -0.96
C GLY A 82 -10.52 -3.70 -0.70
N THR A 83 -11.17 -2.68 -0.16
CA THR A 83 -10.50 -1.38 0.02
C THR A 83 -9.51 -1.37 1.20
N ASP A 84 -9.77 -2.19 2.22
CA ASP A 84 -8.98 -2.17 3.46
C ASP A 84 -7.48 -2.31 3.23
N THR A 85 -7.08 -3.24 2.36
CA THR A 85 -5.66 -3.47 2.09
C THR A 85 -5.27 -3.25 0.62
N LEU A 86 -6.14 -2.60 -0.13
CA LEU A 86 -5.85 -2.27 -1.53
C LEU A 86 -4.49 -1.59 -1.73
N ALA A 87 -4.19 -0.61 -0.87
CA ALA A 87 -2.98 0.19 -1.00
C ALA A 87 -1.74 -0.59 -0.55
N TYR A 88 -1.93 -1.56 0.35
CA TYR A 88 -0.86 -2.49 0.72
C TYR A 88 -0.56 -3.43 -0.45
N THR A 89 -1.60 -4.07 -0.97
CA THR A 89 -1.44 -4.97 -2.11
C THR A 89 -0.84 -4.23 -3.30
N SER A 90 -1.38 -3.06 -3.63
CA SER A 90 -0.88 -2.31 -4.79
C SER A 90 0.56 -1.84 -4.58
N SER A 91 0.92 -1.58 -3.32
CA SER A 91 2.30 -1.20 -3.02
C SER A 91 3.25 -2.39 -3.14
N MET A 92 2.88 -3.54 -2.57
CA MET A 92 3.78 -4.68 -2.58
C MET A 92 3.98 -5.18 -4.01
N ILE A 93 2.90 -5.21 -4.79
CA ILE A 93 2.99 -5.65 -6.18
C ILE A 93 3.93 -4.72 -6.96
N SER A 94 3.94 -3.43 -6.61
CA SER A 94 4.80 -2.48 -7.29
C SER A 94 6.27 -2.86 -7.07
N PHE A 95 6.57 -3.36 -5.87
CA PHE A 95 7.95 -3.75 -5.55
C PHE A 95 8.30 -5.10 -6.18
N MET A 96 7.32 -5.99 -6.27
CA MET A 96 7.55 -7.31 -6.87
C MET A 96 7.67 -7.28 -8.39
N LEU A 97 6.85 -6.46 -9.04
CA LEU A 97 6.87 -6.30 -10.49
C LEU A 97 7.43 -4.94 -10.84
N ARG A 98 8.74 -4.83 -10.96
CA ARG A 98 9.36 -3.51 -11.04
C ARG A 98 9.18 -2.84 -12.41
N ASN A 99 9.18 -3.62 -13.48
CA ASN A 99 8.97 -3.06 -14.82
C ASN A 99 7.79 -3.71 -15.56
N PRO A 100 6.56 -3.39 -15.12
CA PRO A 100 5.43 -3.96 -15.87
C PRO A 100 5.31 -3.29 -17.24
N PRO A 101 5.11 -4.09 -18.30
CA PRO A 101 5.04 -3.56 -19.66
C PRO A 101 3.67 -2.96 -19.98
N ILE A 102 2.73 -3.08 -19.04
CA ILE A 102 1.37 -2.62 -19.25
C ILE A 102 0.86 -1.91 -18.00
N PRO A 103 -0.23 -1.15 -18.14
CA PRO A 103 -0.96 -0.67 -16.95
C PRO A 103 -1.57 -1.82 -16.17
N ILE A 104 -1.30 -1.87 -14.88
CA ILE A 104 -1.95 -2.77 -13.96
C ILE A 104 -2.72 -1.89 -12.96
N VAL A 105 -4.04 -1.99 -13.00
CA VAL A 105 -4.89 -1.06 -12.24
C VAL A 105 -5.71 -1.75 -11.15
N PHE A 106 -5.42 -1.39 -9.91
CA PHE A 106 -6.17 -1.88 -8.77
C PHE A 106 -7.42 -1.06 -8.56
N THR A 107 -8.55 -1.71 -8.36
CA THR A 107 -9.76 -0.98 -8.04
C THR A 107 -10.69 -1.81 -7.15
N GLY A 108 -11.82 -1.22 -6.79
CA GLY A 108 -12.77 -1.84 -5.88
C GLY A 108 -13.92 -0.88 -5.71
N SER A 109 -14.65 -0.97 -4.60
CA SER A 109 -15.77 -0.06 -4.35
C SER A 109 -16.15 -0.12 -2.88
N MET A 110 -16.74 0.96 -2.37
N MET A 110 -16.75 0.95 -2.39
CA MET A 110 -17.17 0.99 -0.99
CA MET A 110 -17.19 1.04 -0.99
C MET A 110 -18.58 0.42 -0.84
C MET A 110 -18.58 0.43 -0.85
N ILE A 111 -19.35 0.47 -1.94
CA ILE A 111 -20.70 -0.10 -1.99
C ILE A 111 -20.73 -1.26 -2.99
N PRO A 112 -21.22 -2.43 -2.56
CA PRO A 112 -21.25 -3.60 -3.46
C PRO A 112 -21.92 -3.26 -4.80
N ALA A 113 -21.43 -3.84 -5.90
CA ALA A 113 -22.03 -3.62 -7.21
C ALA A 113 -23.52 -3.99 -7.23
N THR A 114 -23.92 -4.94 -6.37
CA THR A 114 -25.30 -5.41 -6.30
C THR A 114 -26.21 -4.45 -5.57
N GLU A 115 -25.63 -3.41 -4.96
CA GLU A 115 -26.45 -2.47 -4.22
C GLU A 115 -26.81 -1.24 -5.04
N GLU A 116 -27.79 -0.48 -4.53
CA GLU A 116 -28.21 0.77 -5.14
C GLU A 116 -27.12 1.83 -5.06
N ASN A 117 -26.95 2.57 -6.15
CA ASN A 117 -26.04 3.71 -6.20
C ASN A 117 -24.61 3.32 -5.89
N SER A 118 -24.22 2.13 -6.33
CA SER A 118 -22.88 1.63 -6.06
C SER A 118 -21.84 2.50 -6.74
N ASP A 119 -20.65 2.59 -6.15
CA ASP A 119 -19.55 3.25 -6.82
C ASP A 119 -18.81 2.31 -7.80
N ALA A 120 -19.23 1.05 -7.82
CA ALA A 120 -18.56 0.05 -8.65
C ALA A 120 -18.51 0.40 -10.14
N PRO A 121 -19.64 0.84 -10.74
CA PRO A 121 -19.54 1.11 -12.18
C PRO A 121 -18.56 2.25 -12.51
N LEU A 122 -18.56 3.32 -11.73
CA LEU A 122 -17.60 4.40 -11.92
C LEU A 122 -16.16 3.89 -11.84
N ASN A 123 -15.84 3.14 -10.80
CA ASN A 123 -14.46 2.66 -10.62
C ASN A 123 -14.02 1.66 -11.69
N LEU A 124 -14.93 0.76 -12.07
CA LEU A 124 -14.60 -0.19 -13.12
C LEU A 124 -14.39 0.53 -14.45
N GLN A 125 -15.28 1.49 -14.75
CA GLN A 125 -15.17 2.27 -15.98
C GLN A 125 -13.88 3.09 -15.97
N THR A 126 -13.51 3.61 -14.80
CA THR A 126 -12.26 4.38 -14.71
C THR A 126 -11.08 3.44 -14.94
N ALA A 127 -11.11 2.29 -14.29
CA ALA A 127 -10.03 1.32 -14.43
C ALA A 127 -9.87 0.84 -15.87
N ILE A 128 -10.99 0.58 -16.53
CA ILE A 128 -10.96 0.08 -17.92
C ILE A 128 -10.36 1.11 -18.87
N LYS A 129 -10.77 2.37 -18.74
CA LYS A 129 -10.21 3.44 -19.56
C LYS A 129 -8.71 3.59 -19.34
N PHE A 130 -8.27 3.54 -18.08
CA PHE A 130 -6.84 3.64 -17.85
C PHE A 130 -6.09 2.41 -18.36
N ALA A 131 -6.71 1.24 -18.24
CA ALA A 131 -6.07 -0.01 -18.68
C ALA A 131 -5.78 -0.02 -20.18
N THR A 132 -6.41 0.90 -20.91
CA THR A 132 -6.22 1.00 -22.36
C THR A 132 -5.34 2.19 -22.74
N SER A 133 -4.77 2.87 -21.75
CA SER A 133 -4.07 4.12 -21.99
C SER A 133 -2.68 3.93 -22.58
N GLY A 134 -2.12 2.74 -22.40
CA GLY A 134 -0.74 2.50 -22.78
C GLY A 134 0.28 3.05 -21.80
N ILE A 135 -0.17 3.48 -20.63
CA ILE A 135 0.72 4.01 -19.60
C ILE A 135 1.16 2.89 -18.65
N ARG A 136 2.42 2.49 -18.77
CA ARG A 136 2.91 1.35 -18.02
C ARG A 136 3.03 1.70 -16.53
N GLY A 137 2.75 0.72 -15.66
CA GLY A 137 2.98 0.88 -14.23
C GLY A 137 1.88 0.25 -13.39
N VAL A 138 2.00 0.37 -12.08
CA VAL A 138 0.97 -0.11 -11.15
C VAL A 138 0.20 1.06 -10.54
N TYR A 139 -1.12 1.04 -10.72
CA TYR A 139 -1.97 2.17 -10.38
C TYR A 139 -3.17 1.73 -9.55
N VAL A 140 -3.87 2.71 -8.97
CA VAL A 140 -5.11 2.46 -8.26
C VAL A 140 -6.13 3.43 -8.82
N ALA A 141 -7.29 2.91 -9.22
CA ALA A 141 -8.36 3.79 -9.71
C ALA A 141 -9.49 3.77 -8.71
N PHE A 142 -9.92 4.95 -8.24
CA PHE A 142 -11.02 5.02 -7.28
C PHE A 142 -11.69 6.39 -7.33
N ASN A 143 -13.02 6.41 -7.29
CA ASN A 143 -13.79 7.66 -7.28
C ASN A 143 -13.37 8.60 -8.41
N GLY A 144 -13.15 8.04 -9.60
CA GLY A 144 -12.82 8.80 -10.78
C GLY A 144 -11.37 9.25 -10.90
N LYS A 145 -10.52 8.78 -10.00
CA LYS A 145 -9.12 9.22 -9.96
C LYS A 145 -8.16 8.05 -10.12
N VAL A 146 -7.06 8.26 -10.85
CA VAL A 146 -6.02 7.26 -10.99
C VAL A 146 -4.76 7.74 -10.27
N MET A 147 -4.25 6.91 -9.38
CA MET A 147 -3.15 7.30 -8.51
C MET A 147 -2.04 6.26 -8.64
N LEU A 148 -0.77 6.67 -8.49
CA LEU A 148 0.32 5.71 -8.49
C LEU A 148 0.07 4.75 -7.33
N GLY A 149 0.20 3.45 -7.59
CA GLY A 149 -0.18 2.44 -6.62
C GLY A 149 0.65 2.54 -5.36
N VAL A 150 1.88 3.00 -5.53
CA VAL A 150 2.82 3.06 -4.41
C VAL A 150 2.76 4.41 -3.69
N ARG A 151 1.82 5.26 -4.11
CA ARG A 151 1.56 6.58 -3.50
C ARG A 151 0.12 6.74 -3.05
N THR A 152 -0.58 5.62 -2.83
CA THR A 152 -2.00 5.66 -2.50
C THR A 152 -2.21 5.22 -1.05
N SER A 153 -3.10 5.91 -0.32
CA SER A 153 -3.51 5.47 1.01
C SER A 153 -5.02 5.57 1.14
N LYS A 154 -5.61 4.63 1.89
CA LYS A 154 -7.02 4.74 2.28
C LYS A 154 -7.13 5.82 3.34
N VAL A 155 -8.08 6.72 3.15
CA VAL A 155 -8.17 7.95 3.94
C VAL A 155 -9.52 8.08 4.64
N ARG A 156 -10.54 7.43 4.09
CA ARG A 156 -11.88 7.42 4.67
C ARG A 156 -12.41 6.01 4.78
N THR A 157 -13.10 5.72 5.89
CA THR A 157 -13.65 4.39 6.12
C THR A 157 -15.11 4.27 5.69
N MET A 158 -15.78 5.40 5.49
CA MET A 158 -17.23 5.39 5.25
C MET A 158 -17.64 6.33 4.11
N SER A 159 -16.77 6.50 3.13
CA SER A 159 -17.08 7.38 2.01
C SER A 159 -16.63 6.77 0.68
N ARG A 160 -17.24 7.20 -0.41
CA ARG A 160 -16.85 6.74 -1.73
C ARG A 160 -15.48 7.26 -2.09
N ASP A 161 -15.15 8.45 -1.58
CA ASP A 161 -13.86 9.05 -1.81
C ASP A 161 -12.91 8.49 -0.76
N ALA A 162 -12.55 7.21 -0.90
CA ALA A 162 -11.83 6.50 0.15
C ALA A 162 -10.32 6.66 0.13
N PHE A 163 -9.75 7.03 -1.02
CA PHE A 163 -8.30 7.08 -1.14
C PHE A 163 -7.78 8.44 -1.54
N GLU A 164 -6.49 8.64 -1.32
CA GLU A 164 -5.78 9.81 -1.82
C GLU A 164 -4.41 9.41 -2.31
N SER A 165 -3.90 10.18 -3.26
CA SER A 165 -2.49 10.15 -3.62
C SER A 165 -1.70 11.04 -2.63
N ILE A 166 -0.68 10.46 -2.00
CA ILE A 166 0.01 11.12 -0.90
C ILE A 166 1.37 11.69 -1.34
N ASN A 167 1.56 12.99 -1.16
CA ASN A 167 2.82 13.65 -1.56
C ASN A 167 3.17 13.40 -3.02
N TYR A 168 2.17 13.37 -3.89
CA TYR A 168 2.39 13.02 -5.30
C TYR A 168 1.14 13.41 -6.09
N PRO A 169 1.32 13.95 -7.31
CA PRO A 169 0.15 14.32 -8.11
C PRO A 169 -0.70 13.12 -8.54
N ILE A 170 -2.02 13.33 -8.56
CA ILE A 170 -2.94 12.39 -9.15
C ILE A 170 -2.50 12.15 -10.59
N ILE A 171 -2.52 10.89 -11.03
CA ILE A 171 -2.12 10.56 -12.40
C ILE A 171 -3.13 11.13 -13.40
N ALA A 172 -4.41 10.81 -13.21
CA ALA A 172 -5.47 11.29 -14.09
C ALA A 172 -6.79 11.32 -13.35
N GLU A 173 -7.74 12.13 -13.85
CA GLU A 173 -9.04 12.25 -13.20
C GLU A 173 -10.16 12.33 -14.23
N LEU A 174 -11.13 11.43 -14.14
CA LEU A 174 -12.25 11.35 -15.09
C LEU A 174 -13.07 12.63 -15.09
N ARG A 175 -13.17 13.24 -16.27
CA ARG A 175 -14.08 14.37 -16.48
C ARG A 175 -14.88 14.13 -17.75
N GLY A 176 -16.19 13.98 -17.58
CA GLY A 176 -17.04 13.57 -18.67
C GLY A 176 -16.69 12.13 -19.03
N GLU A 177 -16.24 11.92 -20.25
CA GLU A 177 -15.84 10.59 -20.69
C GLU A 177 -14.31 10.48 -20.80
N ASP A 178 -13.62 11.58 -20.48
CA ASP A 178 -12.17 11.65 -20.64
C ASP A 178 -11.42 11.54 -19.33
N LEU A 179 -10.36 10.73 -19.30
CA LEU A 179 -9.38 10.81 -18.23
C LEU A 179 -8.45 11.96 -18.55
N VAL A 180 -8.40 12.94 -17.66
CA VAL A 180 -7.63 14.15 -17.87
C VAL A 180 -6.36 14.09 -17.04
N VAL A 181 -5.21 14.28 -17.68
CA VAL A 181 -3.94 14.14 -16.98
C VAL A 181 -3.91 15.06 -15.77
N ASN A 182 -3.69 14.44 -14.61
CA ASN A 182 -3.86 15.08 -13.31
C ASN A 182 -5.27 15.60 -13.11
N MET B 1 11.35 -11.49 7.12
CA MET B 1 9.96 -11.34 6.71
C MET B 1 9.15 -10.47 7.67
N ALA B 2 9.31 -10.72 8.96
CA ALA B 2 8.40 -10.16 9.95
C ALA B 2 8.78 -8.73 10.41
N VAL B 3 7.86 -7.80 10.14
CA VAL B 3 8.01 -6.39 10.51
C VAL B 3 7.00 -6.05 11.60
N LEU B 4 7.38 -5.18 12.53
CA LEU B 4 6.48 -4.67 13.56
C LEU B 4 6.40 -3.15 13.47
N VAL B 5 5.17 -2.63 13.39
CA VAL B 5 4.94 -1.19 13.32
C VAL B 5 4.34 -0.69 14.64
N ILE B 6 5.05 0.22 15.29
CA ILE B 6 4.64 0.75 16.58
C ILE B 6 4.46 2.27 16.48
N LYS B 7 3.37 2.79 17.00
CA LYS B 7 3.19 4.25 17.00
C LYS B 7 3.84 4.87 18.25
N LEU B 8 4.66 5.89 18.03
CA LEU B 8 5.27 6.61 19.16
C LEU B 8 4.20 7.37 19.95
N ILE B 9 4.14 7.15 21.26
CA ILE B 9 3.27 7.93 22.14
C ILE B 9 4.06 8.35 23.38
N PRO B 10 3.66 9.46 24.02
CA PRO B 10 4.41 9.90 25.21
C PRO B 10 4.51 8.80 26.26
N GLY B 11 5.73 8.54 26.74
CA GLY B 11 5.96 7.51 27.74
C GLY B 11 6.28 6.11 27.19
N LEU B 12 6.34 5.97 25.88
CA LEU B 12 6.71 4.68 25.29
C LEU B 12 8.14 4.26 25.66
N SER B 13 8.25 3.05 26.18
CA SER B 13 9.53 2.46 26.62
C SER B 13 10.18 1.66 25.51
N GLY B 14 11.47 1.37 25.67
CA GLY B 14 12.19 0.54 24.72
C GLY B 14 11.96 -0.95 24.93
N ASP B 15 11.24 -1.30 25.99
N ASP B 15 11.26 -1.31 26.00
CA ASP B 15 11.08 -2.71 26.38
CA ASP B 15 11.09 -2.73 26.35
C ASP B 15 10.34 -3.58 25.37
C ASP B 15 10.42 -3.55 25.27
N ILE B 16 9.42 -2.98 24.61
CA ILE B 16 8.66 -3.71 23.61
C ILE B 16 9.51 -3.93 22.37
N PHE B 17 10.42 -2.99 22.11
CA PHE B 17 11.34 -3.12 20.98
C PHE B 17 12.34 -4.26 21.20
N ARG B 18 12.78 -4.41 22.45
N ARG B 18 12.78 -4.41 22.45
CA ARG B 18 13.68 -5.51 22.80
CA ARG B 18 13.67 -5.51 22.80
C ARG B 18 12.95 -6.85 22.76
C ARG B 18 12.93 -6.84 22.73
N ALA B 19 11.68 -6.84 23.16
CA ALA B 19 10.86 -8.05 23.14
C ALA B 19 10.61 -8.47 21.69
N ALA B 20 10.43 -7.47 20.83
CA ALA B 20 10.20 -7.70 19.40
C ALA B 20 11.40 -8.44 18.80
N VAL B 21 12.59 -7.91 19.09
CA VAL B 21 13.83 -8.46 18.56
C VAL B 21 14.03 -9.89 19.03
N GLU B 22 13.81 -10.11 20.32
CA GLU B 22 13.91 -11.45 20.89
C GLU B 22 12.93 -12.42 20.26
N LEU B 23 11.76 -11.93 19.85
CA LEU B 23 10.76 -12.77 19.18
C LEU B 23 11.14 -13.13 17.75
N GLY B 24 12.15 -12.46 17.21
CA GLY B 24 12.62 -12.75 15.87
C GLY B 24 12.15 -11.80 14.78
N TYR B 25 11.56 -10.67 15.18
CA TYR B 25 11.20 -9.66 14.21
C TYR B 25 12.43 -9.18 13.46
N ARG B 26 12.30 -9.02 12.15
CA ARG B 26 13.47 -8.68 11.33
C ARG B 26 13.53 -7.20 10.97
N GLY B 27 12.47 -6.47 11.33
CA GLY B 27 12.43 -5.04 11.10
C GLY B 27 11.35 -4.35 11.93
N ILE B 28 11.60 -3.09 12.26
CA ILE B 28 10.66 -2.32 13.06
C ILE B 28 10.43 -0.98 12.38
N VAL B 29 9.18 -0.54 12.35
CA VAL B 29 8.85 0.80 11.90
C VAL B 29 8.30 1.55 13.10
N ILE B 30 8.83 2.75 13.34
CA ILE B 30 8.32 3.60 14.42
C ILE B 30 7.64 4.81 13.81
N GLU B 31 6.34 4.94 14.05
CA GLU B 31 5.58 6.06 13.49
C GLU B 31 5.68 7.24 14.47
N GLY B 32 6.53 8.22 14.14
CA GLY B 32 6.79 9.36 15.02
C GLY B 32 5.79 10.50 14.85
N TYR B 33 6.02 11.62 15.53
CA TYR B 33 5.00 12.67 15.63
C TYR B 33 4.91 13.55 14.39
N GLY B 34 6.06 14.00 13.91
CA GLY B 34 6.09 14.98 12.84
C GLY B 34 7.23 14.67 11.90
N ALA B 35 8.16 15.60 11.77
CA ALA B 35 9.32 15.43 10.87
C ALA B 35 10.26 14.31 11.35
N GLY B 36 10.07 13.88 12.59
CA GLY B 36 10.84 12.75 13.12
C GLY B 36 11.69 13.06 14.35
N GLY B 37 12.08 11.99 15.04
CA GLY B 37 12.84 12.10 16.28
C GLY B 37 12.36 11.14 17.36
N ILE B 38 13.28 10.70 18.21
CA ILE B 38 12.99 9.74 19.29
C ILE B 38 13.24 10.37 20.67
N PRO B 39 12.23 10.28 21.56
CA PRO B 39 12.35 10.87 22.91
C PRO B 39 13.53 10.32 23.72
N TYR B 40 14.23 11.22 24.41
CA TYR B 40 15.33 10.84 25.28
C TYR B 40 15.19 11.44 26.68
N ARG B 41 14.16 12.26 26.85
CA ARG B 41 13.99 13.00 28.12
C ARG B 41 13.06 12.22 29.04
N GLY B 42 13.62 11.62 30.08
CA GLY B 42 12.85 10.74 30.94
C GLY B 42 12.35 9.51 30.19
N SER B 43 13.07 9.12 29.14
CA SER B 43 12.71 7.94 28.34
C SER B 43 13.96 7.18 27.92
N ASP B 44 13.91 5.85 28.03
CA ASP B 44 15.02 4.99 27.61
C ASP B 44 14.92 4.63 26.13
N LEU B 45 14.03 5.30 25.40
CA LEU B 45 13.72 4.89 24.04
C LEU B 45 14.89 5.14 23.07
N LEU B 46 15.47 6.34 23.11
CA LEU B 46 16.60 6.65 22.23
C LEU B 46 17.77 5.72 22.50
N GLN B 47 18.10 5.54 23.78
CA GLN B 47 19.15 4.61 24.17
C GLN B 47 18.89 3.20 23.63
N THR B 48 17.64 2.74 23.76
CA THR B 48 17.30 1.39 23.30
C THR B 48 17.48 1.26 21.78
N ILE B 49 16.92 2.21 21.04
CA ILE B 49 17.00 2.21 19.59
C ILE B 49 18.43 2.30 19.10
N GLU B 50 19.25 3.11 19.77
CA GLU B 50 20.66 3.24 19.41
C GLU B 50 21.34 1.88 19.48
N GLU B 51 20.95 1.10 20.48
CA GLU B 51 21.48 -0.25 20.67
C GLU B 51 20.96 -1.26 19.64
N LEU B 52 19.67 -1.19 19.32
CA LEU B 52 19.03 -2.18 18.46
C LEU B 52 19.20 -1.95 16.95
N SER B 53 19.38 -0.69 16.55
CA SER B 53 19.47 -0.36 15.13
C SER B 53 20.70 -0.91 14.43
N LYS B 54 21.61 -1.52 15.20
CA LYS B 54 22.76 -2.19 14.60
C LYS B 54 22.37 -3.63 14.26
N GLU B 55 21.38 -4.15 14.97
CA GLU B 55 20.94 -5.54 14.82
C GLU B 55 19.88 -5.70 13.72
N ILE B 56 18.88 -4.83 13.74
CA ILE B 56 17.85 -4.85 12.72
C ILE B 56 17.56 -3.44 12.23
N PRO B 57 17.03 -3.32 11.00
CA PRO B 57 16.63 -1.99 10.53
C PRO B 57 15.49 -1.42 11.37
N ILE B 58 15.66 -0.20 11.82
CA ILE B 58 14.60 0.50 12.53
C ILE B 58 14.25 1.75 11.74
N VAL B 59 13.05 1.73 11.16
CA VAL B 59 12.66 2.77 10.22
C VAL B 59 11.75 3.74 10.91
N MET B 60 11.87 5.02 10.54
CA MET B 60 10.96 6.02 11.08
C MET B 60 10.05 6.64 10.02
N THR B 61 8.75 6.56 10.28
CA THR B 61 7.77 7.28 9.50
C THR B 61 7.15 8.32 10.42
N THR B 62 6.07 8.92 9.97
CA THR B 62 5.33 9.90 10.75
C THR B 62 3.83 9.60 10.77
N GLN B 63 3.21 9.86 11.93
CA GLN B 63 1.76 9.75 12.07
C GLN B 63 1.01 10.74 11.19
N ALA B 64 1.63 11.89 10.89
CA ALA B 64 1.01 12.88 10.00
C ALA B 64 0.81 12.28 8.60
N MET B 65 -0.26 12.68 7.92
N MET B 65 -0.26 12.67 7.93
CA MET B 65 -0.58 12.13 6.62
CA MET B 65 -0.56 12.10 6.62
C MET B 65 0.34 12.66 5.52
C MET B 65 0.35 12.65 5.52
N TYR B 66 0.64 13.96 5.57
CA TYR B 66 1.41 14.61 4.51
C TYR B 66 2.77 15.17 4.89
N ASP B 67 3.65 15.17 3.88
CA ASP B 67 4.96 15.83 3.86
C ASP B 67 6.12 14.91 4.28
N GLY B 68 5.78 13.81 4.96
CA GLY B 68 6.77 12.79 5.30
C GLY B 68 7.76 13.24 6.37
N VAL B 69 8.83 12.50 6.55
CA VAL B 69 9.81 12.82 7.59
C VAL B 69 11.04 13.51 7.03
N ASP B 70 11.78 14.16 7.93
CA ASP B 70 13.09 14.74 7.64
C ASP B 70 13.84 14.81 8.96
N LEU B 71 14.71 13.84 9.20
CA LEU B 71 15.42 13.77 10.48
C LEU B 71 16.51 14.84 10.61
N THR B 72 16.75 15.59 9.54
CA THR B 72 17.74 16.66 9.60
C THR B 72 17.13 17.97 10.06
N ARG B 73 15.81 18.04 10.12
CA ARG B 73 15.14 19.31 10.40
C ARG B 73 15.31 19.80 11.85
N TYR B 74 15.19 18.88 12.80
CA TYR B 74 15.24 19.27 14.21
C TYR B 74 16.28 18.46 14.98
N LYS B 75 16.68 19.00 16.13
CA LYS B 75 17.72 18.39 16.96
C LYS B 75 17.39 16.96 17.36
N VAL B 76 16.17 16.72 17.83
CA VAL B 76 15.72 15.37 18.18
C VAL B 76 15.79 14.44 16.97
N GLY B 77 15.54 14.99 15.78
CA GLY B 77 15.59 14.22 14.56
C GLY B 77 17.01 13.79 14.24
N ARG B 78 17.92 14.76 14.30
CA ARG B 78 19.35 14.51 14.06
C ARG B 78 19.91 13.47 15.02
N LEU B 79 19.43 13.51 16.26
CA LEU B 79 19.83 12.50 17.23
C LEU B 79 19.38 11.09 16.80
N ALA B 80 18.15 11.01 16.27
CA ALA B 80 17.63 9.72 15.81
C ALA B 80 18.52 9.15 14.70
N LEU B 81 18.93 10.00 13.77
CA LEU B 81 19.82 9.58 12.68
C LEU B 81 21.14 9.03 13.22
N ARG B 82 21.78 9.79 14.10
CA ARG B 82 23.02 9.36 14.73
C ARG B 82 22.86 8.03 15.42
N ALA B 83 21.68 7.81 16.00
CA ALA B 83 21.35 6.55 16.67
C ALA B 83 21.20 5.39 15.68
N GLY B 84 21.11 5.69 14.38
CA GLY B 84 21.05 4.65 13.36
C GLY B 84 19.65 4.40 12.78
N VAL B 85 18.74 5.33 13.00
CA VAL B 85 17.37 5.21 12.49
C VAL B 85 17.31 5.50 10.99
N ILE B 86 16.54 4.69 10.26
CA ILE B 86 16.35 4.87 8.82
C ILE B 86 15.08 5.69 8.52
N PRO B 87 15.25 6.88 7.95
CA PRO B 87 14.09 7.72 7.65
C PRO B 87 13.32 7.14 6.47
N ALA B 88 12.05 7.46 6.38
CA ALA B 88 11.20 6.92 5.32
C ALA B 88 10.94 8.00 4.26
N GLY B 89 11.60 9.14 4.45
CA GLY B 89 11.39 10.29 3.58
C GLY B 89 9.91 10.55 3.40
N ASP B 90 9.48 10.70 2.14
CA ASP B 90 8.11 11.09 1.87
C ASP B 90 7.21 9.91 1.48
N MET B 91 7.67 8.68 1.73
CA MET B 91 6.91 7.46 1.41
C MET B 91 5.60 7.35 2.18
N THR B 92 4.58 6.75 1.57
CA THR B 92 3.36 6.44 2.32
C THR B 92 3.70 5.42 3.40
N LYS B 93 2.83 5.28 4.37
CA LYS B 93 2.99 4.22 5.36
C LYS B 93 2.93 2.83 4.74
N GLU B 94 2.05 2.64 3.76
CA GLU B 94 1.90 1.32 3.14
C GLU B 94 3.14 0.95 2.32
N ALA B 95 3.63 1.90 1.55
CA ALA B 95 4.86 1.70 0.79
C ALA B 95 6.05 1.44 1.70
N THR B 96 6.15 2.18 2.81
CA THR B 96 7.27 1.99 3.74
C THR B 96 7.31 0.57 4.25
N VAL B 97 6.17 0.07 4.71
CA VAL B 97 6.18 -1.25 5.32
C VAL B 97 6.34 -2.37 4.29
N THR B 98 5.62 -2.29 3.18
CA THR B 98 5.78 -3.31 2.14
C THR B 98 7.18 -3.29 1.52
N LYS B 99 7.77 -2.11 1.39
CA LYS B 99 9.15 -2.01 0.87
C LYS B 99 10.13 -2.71 1.80
N LEU B 100 10.00 -2.43 3.10
CA LEU B 100 10.86 -3.07 4.10
C LEU B 100 10.71 -4.59 4.05
N MET B 101 9.47 -5.06 4.05
CA MET B 101 9.21 -6.49 3.96
C MET B 101 9.84 -7.09 2.71
N TRP B 102 9.73 -6.38 1.59
CA TRP B 102 10.26 -6.88 0.33
C TRP B 102 11.79 -7.00 0.38
N ILE B 103 12.44 -5.94 0.84
CA ILE B 103 13.90 -5.93 1.05
C ILE B 103 14.34 -7.06 1.97
N LEU B 104 13.66 -7.19 3.11
CA LEU B 104 13.98 -8.27 4.07
C LEU B 104 13.90 -9.67 3.46
N GLY B 105 13.16 -9.81 2.37
CA GLY B 105 13.10 -11.08 1.67
C GLY B 105 14.36 -11.37 0.89
N HIS B 106 15.20 -10.35 0.72
CA HIS B 106 16.43 -10.47 -0.06
C HIS B 106 17.70 -10.42 0.79
N THR B 107 17.68 -9.62 1.85
CA THR B 107 18.87 -9.41 2.67
C THR B 107 18.54 -9.22 4.14
N ASN B 108 19.58 -9.30 4.98
CA ASN B 108 19.45 -9.02 6.40
C ASN B 108 20.57 -8.09 6.85
N ASN B 109 21.39 -7.68 5.90
CA ASN B 109 22.43 -6.72 6.16
C ASN B 109 21.83 -5.33 6.39
N VAL B 110 21.88 -4.87 7.65
CA VAL B 110 21.29 -3.60 8.04
C VAL B 110 21.77 -2.40 7.19
N GLU B 111 23.06 -2.29 6.96
CA GLU B 111 23.61 -1.21 6.13
C GLU B 111 23.12 -1.32 4.69
N GLU B 112 22.87 -2.56 4.26
CA GLU B 112 22.36 -2.79 2.92
C GLU B 112 20.88 -2.42 2.86
N ILE B 113 20.11 -2.89 3.85
CA ILE B 113 18.71 -2.52 3.98
C ILE B 113 18.56 -1.01 4.05
N LYS B 114 19.52 -0.36 4.69
CA LYS B 114 19.53 1.08 4.89
C LYS B 114 19.62 1.83 3.56
N VAL B 115 20.52 1.38 2.69
CA VAL B 115 20.72 2.04 1.40
C VAL B 115 19.54 1.74 0.45
N LEU B 116 18.98 0.54 0.55
CA LEU B 116 17.79 0.21 -0.23
C LEU B 116 16.57 1.05 0.18
N MET B 117 16.36 1.21 1.49
CA MET B 117 15.22 1.98 1.99
C MET B 117 15.29 3.44 1.56
N ARG B 118 16.51 3.96 1.39
CA ARG B 118 16.72 5.36 1.01
C ARG B 118 16.74 5.54 -0.51
N LYS B 119 16.71 4.44 -1.24
CA LYS B 119 16.75 4.49 -2.71
C LYS B 119 15.36 4.40 -3.33
N ASN B 120 15.05 5.32 -4.24
CA ASN B 120 13.76 5.29 -4.93
C ASN B 120 13.71 4.13 -5.92
N LEU B 121 13.08 3.03 -5.51
CA LEU B 121 13.01 1.83 -6.33
C LEU B 121 11.99 1.91 -7.47
N VAL B 122 10.77 2.32 -7.17
CA VAL B 122 9.71 2.30 -8.19
C VAL B 122 8.82 3.53 -8.20
N GLY B 123 9.25 4.62 -7.56
CA GLY B 123 8.45 5.83 -7.56
C GLY B 123 7.81 6.11 -6.20
N GLU B 124 8.15 5.32 -5.20
CA GLU B 124 7.61 5.50 -3.85
C GLU B 124 8.25 6.63 -3.03
N LEU B 125 9.44 7.05 -3.45
CA LEU B 125 10.30 7.90 -2.60
C LEU B 125 11.00 8.98 -3.41
N ARG B 126 11.07 10.20 -2.86
CA ARG B 126 11.96 11.21 -3.41
C ARG B 126 13.34 11.09 -2.74
N ASP B 127 14.32 10.58 -3.48
CA ASP B 127 15.67 10.37 -2.95
C ASP B 127 16.72 11.34 -3.47
N LEU C 1 14.77 14.86 31.47
CA LEU C 1 14.46 15.22 32.85
C LEU C 1 13.92 14.03 33.62
N VAL C 2 14.79 13.05 33.86
CA VAL C 2 16.22 13.15 33.56
C VAL C 2 16.67 12.58 32.20
N VAL C 3 17.50 13.36 31.52
CA VAL C 3 18.24 12.91 30.35
C VAL C 3 19.47 12.18 30.93
N ASN C 4 20.12 11.31 30.17
CA ASN C 4 21.28 10.60 30.74
C ASN C 4 22.65 10.99 30.18
#